data_5N5P
#
_entry.id   5N5P
#
_cell.length_a   30.093
_cell.length_b   142.898
_cell.length_c   46.588
_cell.angle_alpha   90.000
_cell.angle_beta   90.750
_cell.angle_gamma   90.000
#
_symmetry.space_group_name_H-M   'P 1 21 1'
#
loop_
_entity.id
_entity.type
_entity.pdbx_description
1 polymer 'Putative cellulosomal scaffoldin protein'
2 polymer 'Putative cellulosomal scaffoldin protein'
3 non-polymer ACETONITRILE
4 non-polymer 'CALCIUM ION'
5 water water
#
loop_
_entity_poly.entity_id
_entity_poly.type
_entity_poly.pdbx_seq_one_letter_code
_entity_poly.pdbx_strand_id
1 'polypeptide(L)'
;TPATGSAEWVIPTVNAKPGEKVTMDVVVKNSAIEVAGAQFNIKQTAPIAYGSAASGDAYAAIVPNETEQYYAFGEGIGKG
IKAADGAKIITLTFNVPADCAKGTYPVKWSNAFITDTNGNKITDKITLTDGAIVVGDT
;
A,C
2 'polypeptide(L)'
;HMASKPVWGDVNCDGDVNVADVVLLNKWLNNNADYAMTDQGKVNADCFNPQDANGGAVDASKVDLTKTDSDAIIKSVVHL
ITLPAKG
;
B,D
#
loop_
_chem_comp.id
_chem_comp.type
_chem_comp.name
_chem_comp.formula
CA non-polymer 'CALCIUM ION' 'Ca 2'
CCN non-polymer ACETONITRILE 'C2 H3 N'
#
# COMPACT_ATOMS: atom_id res chain seq x y z
N THR A 1 -11.94 -17.97 -0.70
CA THR A 1 -12.15 -16.48 -0.75
C THR A 1 -10.86 -15.73 -0.34
N PRO A 2 -9.96 -15.45 -1.31
CA PRO A 2 -8.66 -14.91 -0.92
C PRO A 2 -8.77 -13.54 -0.27
N ALA A 3 -8.08 -13.35 0.87
CA ALA A 3 -8.08 -12.09 1.62
C ALA A 3 -8.03 -10.90 0.68
N THR A 4 -8.95 -9.95 0.85
CA THR A 4 -9.30 -9.00 -0.22
C THR A 4 -8.48 -7.71 -0.35
N GLY A 5 -8.16 -7.05 0.76
CA GLY A 5 -7.61 -5.70 0.72
C GLY A 5 -6.17 -5.54 0.27
N SER A 6 -5.39 -4.77 1.01
CA SER A 6 -4.04 -4.49 0.62
C SER A 6 -3.24 -4.03 1.82
N ALA A 7 -1.93 -4.01 1.61
CA ALA A 7 -0.99 -3.25 2.40
C ALA A 7 0.21 -2.85 1.52
N GLU A 8 1.02 -1.93 2.05
CA GLU A 8 2.28 -1.52 1.45
C GLU A 8 3.35 -1.86 2.46
N TRP A 9 4.44 -2.50 2.04
CA TRP A 9 5.53 -2.88 2.91
C TRP A 9 6.72 -2.04 2.44
N VAL A 10 7.24 -1.20 3.32
CA VAL A 10 8.20 -0.13 2.94
C VAL A 10 9.56 -0.35 3.55
N ILE A 11 10.58 -0.59 2.70
CA ILE A 11 11.96 -0.44 3.10
C ILE A 11 12.19 1.08 3.07
N PRO A 12 12.68 1.68 4.18
CA PRO A 12 12.81 3.14 4.23
C PRO A 12 13.97 3.70 3.41
N THR A 13 13.90 4.99 3.12
CA THR A 13 15.01 5.73 2.54
C THR A 13 15.65 6.57 3.62
N VAL A 14 16.88 6.23 3.97
CA VAL A 14 17.61 6.88 5.05
C VAL A 14 18.89 7.57 4.56
N ASN A 15 19.27 8.63 5.27
CA ASN A 15 20.53 9.31 5.11
C ASN A 15 21.56 8.68 6.03
N ALA A 16 22.82 8.68 5.60
CA ALA A 16 23.89 8.15 6.41
C ALA A 16 25.22 8.74 5.99
N LYS A 17 26.17 8.70 6.92
CA LYS A 17 27.53 9.11 6.64
C LYS A 17 28.36 7.85 6.39
N PRO A 18 29.43 7.96 5.59
CA PRO A 18 30.40 6.87 5.53
C PRO A 18 30.93 6.52 6.91
N GLY A 19 31.12 5.23 7.16
CA GLY A 19 31.47 4.73 8.49
C GLY A 19 30.28 4.40 9.41
N GLU A 20 29.05 4.75 9.02
CA GLU A 20 27.88 4.60 9.92
C GLU A 20 27.18 3.21 9.91
N LYS A 21 26.84 2.71 11.09
CA LYS A 21 25.94 1.58 11.24
C LYS A 21 24.51 2.13 11.06
N VAL A 22 23.76 1.51 10.15
CA VAL A 22 22.40 1.93 9.82
C VAL A 22 21.39 0.83 10.17
N THR A 23 20.43 1.18 11.00
CA THR A 23 19.32 0.29 11.35
C THR A 23 18.12 0.70 10.51
N MET A 24 17.60 -0.21 9.68
CA MET A 24 16.43 0.05 8.83
C MET A 24 15.24 -0.77 9.29
N ASP A 25 14.21 -0.08 9.76
CA ASP A 25 12.93 -0.71 10.10
C ASP A 25 12.07 -0.78 8.86
N VAL A 26 11.70 -2.00 8.48
CA VAL A 26 10.90 -2.23 7.30
C VAL A 26 9.47 -2.32 7.85
N VAL A 27 8.58 -1.45 7.36
CA VAL A 27 7.28 -1.22 8.04
C VAL A 27 6.08 -1.35 7.12
N VAL A 28 4.90 -1.53 7.74
CA VAL A 28 3.65 -1.69 7.01
C VAL A 28 2.99 -0.32 6.93
N LYS A 29 2.45 0.00 5.76
CA LYS A 29 1.65 1.21 5.56
C LYS A 29 0.29 0.86 4.97
N ASN A 30 -0.74 1.64 5.34
CA ASN A 30 -2.10 1.43 4.87
C ASN A 30 -2.49 -0.06 4.97
N SER A 31 -2.28 -0.60 6.17
CA SER A 31 -2.54 -2.01 6.47
C SER A 31 -4.04 -2.30 6.41
N ALA A 32 -4.40 -3.16 5.47
CA ALA A 32 -5.78 -3.48 5.20
C ALA A 32 -5.92 -4.88 4.61
N ILE A 33 -5.11 -5.82 5.12
CA ILE A 33 -5.17 -7.18 4.66
C ILE A 33 -4.58 -8.09 5.71
N GLU A 34 -5.19 -9.25 5.89
CA GLU A 34 -4.73 -10.25 6.87
C GLU A 34 -3.71 -11.15 6.20
N VAL A 35 -2.50 -11.12 6.70
CA VAL A 35 -1.36 -11.87 6.12
C VAL A 35 -0.98 -12.98 7.09
N ALA A 36 -0.96 -14.22 6.60
CA ALA A 36 -0.57 -15.40 7.38
C ALA A 36 0.90 -15.77 7.28
N GLY A 37 1.52 -15.44 6.15
CA GLY A 37 2.90 -15.77 5.99
C GLY A 37 3.54 -15.11 4.79
N ALA A 38 4.85 -15.01 4.83
CA ALA A 38 5.60 -14.43 3.70
C ALA A 38 7.02 -14.92 3.65
N GLN A 39 7.59 -14.81 2.45
CA GLN A 39 8.98 -15.11 2.19
C GLN A 39 9.50 -14.12 1.15
N PHE A 40 10.73 -13.67 1.35
CA PHE A 40 11.29 -12.62 0.51
C PHE A 40 12.78 -12.47 0.75
N ASN A 41 13.50 -12.04 -0.30
CA ASN A 41 14.84 -11.51 -0.13
C ASN A 41 14.76 -10.00 0.02
N ILE A 42 15.62 -9.45 0.86
CA ILE A 42 15.96 -8.02 0.84
C ILE A 42 17.49 -7.91 0.75
N LYS A 43 17.95 -7.15 -0.24
CA LYS A 43 19.40 -6.98 -0.52
C LYS A 43 19.79 -5.51 -0.76
N GLN A 44 20.90 -5.13 -0.14
CA GLN A 44 21.47 -3.78 -0.27
C GLN A 44 22.49 -3.74 -1.41
N THR A 45 22.57 -2.58 -2.04
CA THR A 45 23.53 -2.33 -3.08
C THR A 45 24.93 -2.09 -2.50
N ALA A 46 25.94 -2.72 -3.11
CA ALA A 46 27.35 -2.56 -2.70
C ALA A 46 27.83 -1.13 -2.84
N PRO A 47 28.78 -0.68 -2.03
CA PRO A 47 29.55 -1.48 -1.07
C PRO A 47 28.97 -1.54 0.34
N ILE A 48 27.71 -1.12 0.53
CA ILE A 48 27.13 -1.22 1.86
C ILE A 48 27.20 -2.68 2.30
N ALA A 49 27.65 -2.91 3.54
CA ALA A 49 27.75 -4.25 4.10
C ALA A 49 26.51 -4.61 4.97
N TYR A 50 26.18 -5.90 5.00
CA TYR A 50 25.05 -6.41 5.75
C TYR A 50 25.50 -6.74 7.16
N GLY A 51 24.72 -6.34 8.15
CA GLY A 51 24.96 -6.73 9.54
C GLY A 51 24.13 -7.95 9.86
N SER A 52 22.87 -7.74 10.17
CA SER A 52 21.98 -8.82 10.61
C SER A 52 20.54 -8.38 10.57
N ALA A 53 19.66 -9.36 10.75
CA ALA A 53 18.24 -9.14 10.77
C ALA A 53 17.71 -9.43 12.15
N ALA A 54 16.62 -8.75 12.50
CA ALA A 54 15.92 -9.01 13.74
C ALA A 54 14.43 -8.99 13.43
N SER A 55 13.71 -9.84 14.14
CA SER A 55 12.26 -9.91 13.96
C SER A 55 11.59 -8.59 14.32
N GLY A 56 10.55 -8.25 13.57
CA GLY A 56 9.60 -7.22 13.98
C GLY A 56 8.35 -7.91 14.53
N ASP A 57 7.42 -7.11 15.04
CA ASP A 57 6.19 -7.62 15.64
C ASP A 57 4.94 -7.36 14.78
N ALA A 58 5.14 -6.95 13.51
CA ALA A 58 4.03 -6.66 12.63
C ALA A 58 3.22 -7.92 12.39
N TYR A 59 3.88 -8.98 11.98
CA TYR A 59 3.14 -10.20 11.64
C TYR A 59 3.53 -11.39 12.50
N ALA A 60 4.70 -11.93 12.26
CA ALA A 60 5.12 -13.14 12.97
C ALA A 60 6.63 -13.16 12.98
N ALA A 61 7.20 -14.08 13.77
CA ALA A 61 8.65 -14.11 13.98
C ALA A 61 9.39 -14.41 12.68
N ILE A 62 10.49 -13.70 12.46
CA ILE A 62 11.29 -13.89 11.25
C ILE A 62 12.26 -15.08 11.39
N VAL A 63 12.30 -15.89 10.35
CA VAL A 63 13.24 -17.00 10.20
C VAL A 63 14.23 -16.50 9.13
N PRO A 64 15.45 -16.14 9.54
CA PRO A 64 16.38 -15.53 8.60
C PRO A 64 17.47 -16.48 8.10
N ASN A 65 17.73 -16.46 6.80
CA ASN A 65 19.00 -16.99 6.24
C ASN A 65 19.91 -15.78 6.04
N GLU A 66 20.88 -15.62 6.93
CA GLU A 66 21.74 -14.42 6.94
C GLU A 66 22.76 -14.41 5.83
N THR A 67 23.24 -15.58 5.42
CA THR A 67 24.13 -15.71 4.24
C THR A 67 23.42 -15.25 2.98
N GLU A 68 22.17 -15.67 2.81
CA GLU A 68 21.43 -15.41 1.58
C GLU A 68 20.50 -14.18 1.67
N GLN A 69 20.46 -13.53 2.83
CA GLN A 69 19.49 -12.46 3.09
C GLN A 69 18.13 -12.81 2.53
N TYR A 70 17.70 -13.99 2.92
CA TYR A 70 16.42 -14.57 2.56
C TYR A 70 15.64 -14.80 3.86
N TYR A 71 14.40 -14.30 3.91
CA TYR A 71 13.63 -14.24 5.15
C TYR A 71 12.21 -14.76 4.97
N ALA A 72 11.65 -15.32 6.03
CA ALA A 72 10.30 -15.84 6.02
C ALA A 72 9.63 -15.79 7.39
N PHE A 73 8.31 -15.68 7.38
CA PHE A 73 7.50 -15.82 8.59
C PHE A 73 6.23 -16.59 8.26
N GLY A 74 5.69 -17.28 9.26
CA GLY A 74 4.46 -18.00 9.15
C GLY A 74 3.80 -18.01 10.51
N GLU A 75 2.59 -17.45 10.57
CA GLU A 75 1.87 -17.37 11.84
C GLU A 75 1.69 -18.76 12.43
N GLY A 76 2.01 -18.91 13.72
CA GLY A 76 2.13 -20.22 14.39
C GLY A 76 0.99 -21.21 14.31
N ILE A 77 -0.23 -20.70 14.14
CA ILE A 77 -1.41 -21.55 13.93
C ILE A 77 -2.13 -21.22 12.61
N GLY A 78 -1.39 -20.64 11.67
CA GLY A 78 -1.89 -20.32 10.34
C GLY A 78 -2.97 -19.25 10.24
N LYS A 79 -3.06 -18.36 11.23
CA LYS A 79 -4.02 -17.24 11.19
C LYS A 79 -3.44 -16.12 10.35
N GLY A 80 -4.32 -15.37 9.69
CA GLY A 80 -3.92 -14.10 9.07
C GLY A 80 -3.87 -13.02 10.13
N ILE A 81 -2.90 -12.13 10.03
CA ILE A 81 -2.75 -11.01 10.95
C ILE A 81 -2.80 -9.71 10.13
N LYS A 82 -3.68 -8.80 10.51
CA LYS A 82 -3.69 -7.44 9.97
C LYS A 82 -2.80 -6.62 10.89
N ALA A 83 -1.59 -6.33 10.44
CA ALA A 83 -0.65 -5.56 11.23
C ALA A 83 -1.13 -4.17 11.48
N ALA A 84 -0.69 -3.61 12.59
CA ALA A 84 -0.89 -2.20 12.92
C ALA A 84 -0.13 -1.36 11.92
N ASP A 85 -0.72 -0.24 11.49
CA ASP A 85 0.01 0.71 10.61
C ASP A 85 1.36 1.11 11.21
N GLY A 86 2.40 1.08 10.37
CA GLY A 86 3.71 1.49 10.80
C GLY A 86 4.48 0.41 11.55
N ALA A 87 3.88 -0.76 11.79
CA ALA A 87 4.55 -1.77 12.59
C ALA A 87 5.70 -2.43 11.79
N LYS A 88 6.69 -2.90 12.52
CA LYS A 88 7.96 -3.42 11.90
C LYS A 88 7.80 -4.87 11.50
N ILE A 89 7.93 -5.17 10.21
CA ILE A 89 7.92 -6.55 9.70
C ILE A 89 9.25 -7.26 10.05
N ILE A 90 10.34 -6.53 9.83
CA ILE A 90 11.73 -6.99 9.99
C ILE A 90 12.61 -5.74 10.14
N THR A 91 13.69 -5.87 10.89
CA THR A 91 14.65 -4.79 11.11
C THR A 91 16.05 -5.30 10.65
N LEU A 92 16.67 -4.53 9.78
CA LEU A 92 17.92 -4.92 9.13
C LEU A 92 18.98 -3.89 9.48
N THR A 93 20.14 -4.36 9.92
CA THR A 93 21.23 -3.43 10.16
C THR A 93 22.28 -3.60 9.04
N PHE A 94 22.85 -2.47 8.64
CA PHE A 94 23.89 -2.44 7.60
C PHE A 94 25.00 -1.55 8.11
N ASN A 95 26.17 -1.60 7.46
CA ASN A 95 27.32 -0.81 7.84
C ASN A 95 27.86 -0.14 6.59
N VAL A 96 27.98 1.18 6.63
CA VAL A 96 28.44 1.95 5.47
C VAL A 96 29.97 2.06 5.57
N PRO A 97 30.72 1.56 4.58
CA PRO A 97 32.17 1.70 4.66
C PRO A 97 32.59 3.15 4.67
N ALA A 98 33.67 3.46 5.40
CA ALA A 98 34.25 4.80 5.40
C ALA A 98 34.67 5.30 4.02
N ASP A 99 35.03 4.37 3.12
CA ASP A 99 35.41 4.74 1.74
C ASP A 99 34.24 4.69 0.75
N CYS A 100 33.00 4.65 1.25
CA CYS A 100 31.83 4.63 0.39
C CYS A 100 31.68 5.99 -0.31
N ALA A 101 31.53 5.95 -1.63
CA ALA A 101 31.39 7.19 -2.41
C ALA A 101 30.01 7.78 -2.17
N LYS A 102 29.85 9.10 -2.32
CA LYS A 102 28.53 9.71 -2.15
C LYS A 102 27.55 9.08 -3.17
N GLY A 103 26.31 8.86 -2.76
CA GLY A 103 25.28 8.34 -3.67
C GLY A 103 24.09 7.67 -3.00
N THR A 104 23.19 7.17 -3.85
CA THR A 104 22.04 6.41 -3.43
C THR A 104 22.34 4.94 -3.65
N TYR A 105 22.25 4.17 -2.56
CA TYR A 105 22.44 2.72 -2.55
C TYR A 105 21.11 2.04 -2.20
N PRO A 106 20.37 1.57 -3.23
CA PRO A 106 19.10 0.91 -2.99
C PRO A 106 19.14 -0.30 -2.06
N VAL A 107 18.10 -0.46 -1.26
CA VAL A 107 17.86 -1.66 -0.49
C VAL A 107 16.51 -2.16 -1.00
N LYS A 108 16.50 -3.33 -1.63
CA LYS A 108 15.36 -3.76 -2.45
C LYS A 108 14.79 -5.13 -2.09
N TRP A 109 13.49 -5.25 -2.28
CA TRP A 109 12.80 -6.53 -2.16
C TRP A 109 13.01 -7.33 -3.43
N SER A 110 13.04 -8.64 -3.30
CA SER A 110 12.91 -9.56 -4.43
C SER A 110 12.41 -10.93 -3.96
N ASN A 111 11.96 -11.72 -4.94
CA ASN A 111 11.61 -13.11 -4.74
C ASN A 111 10.52 -13.27 -3.65
N ALA A 112 9.59 -12.32 -3.64
CA ALA A 112 8.53 -12.27 -2.63
C ALA A 112 7.45 -13.26 -2.96
N PHE A 113 6.99 -13.98 -1.94
CA PHE A 113 5.78 -14.73 -2.01
C PHE A 113 5.04 -14.55 -0.68
N ILE A 114 3.77 -14.17 -0.77
CA ILE A 114 3.03 -13.80 0.41
C ILE A 114 1.73 -14.55 0.39
N THR A 115 1.32 -15.11 1.53
CA THR A 115 0.17 -15.98 1.58
C THR A 115 -0.85 -15.54 2.66
N ASP A 116 -2.12 -15.79 2.37
CA ASP A 116 -3.20 -15.58 3.33
C ASP A 116 -3.40 -16.83 4.18
N THR A 117 -4.37 -16.78 5.07
CA THR A 117 -4.63 -17.88 5.99
C THR A 117 -5.02 -19.22 5.36
N ASN A 118 -5.54 -19.20 4.13
CA ASN A 118 -5.91 -20.43 3.41
C ASN A 118 -4.90 -20.85 2.34
N GLY A 119 -3.67 -20.34 2.42
CA GLY A 119 -2.65 -20.71 1.45
C GLY A 119 -2.73 -20.04 0.08
N ASN A 120 -3.59 -19.04 -0.09
CA ASN A 120 -3.72 -18.34 -1.38
C ASN A 120 -2.65 -17.28 -1.49
N LYS A 121 -2.05 -17.18 -2.68
CA LYS A 121 -1.10 -16.13 -2.99
C LYS A 121 -1.82 -14.78 -2.94
N ILE A 122 -1.25 -13.88 -2.14
CA ILE A 122 -1.71 -12.49 -2.09
C ILE A 122 -0.58 -11.49 -2.39
N THR A 123 0.57 -11.97 -2.93
CA THR A 123 1.68 -11.07 -3.21
C THR A 123 1.30 -9.82 -4.00
N ASP A 124 0.43 -10.00 -4.99
CA ASP A 124 -0.03 -8.87 -5.83
C ASP A 124 -0.78 -7.79 -5.03
N LYS A 125 -1.42 -8.18 -3.93
CA LYS A 125 -2.17 -7.22 -3.10
C LYS A 125 -1.25 -6.43 -2.17
N ILE A 126 0.01 -6.84 -2.05
CA ILE A 126 0.98 -6.15 -1.20
C ILE A 126 1.94 -5.33 -2.07
N THR A 127 1.94 -4.01 -1.87
CA THR A 127 2.91 -3.17 -2.57
C THR A 127 4.26 -3.23 -1.84
N LEU A 128 5.29 -3.72 -2.56
CA LEU A 128 6.62 -3.88 -1.98
C LEU A 128 7.50 -2.74 -2.45
N THR A 129 7.72 -1.78 -1.56
CA THR A 129 8.32 -0.49 -1.89
C THR A 129 9.77 -0.52 -1.46
N ASP A 130 10.68 -0.42 -2.44
CA ASP A 130 12.11 -0.43 -2.14
C ASP A 130 12.55 0.87 -1.45
N GLY A 131 13.60 0.76 -0.65
CA GLY A 131 14.23 1.88 0.01
C GLY A 131 15.69 2.08 -0.47
N ALA A 132 16.47 2.73 0.38
CA ALA A 132 17.83 3.09 0.06
C ALA A 132 18.58 3.66 1.26
N ILE A 133 19.91 3.55 1.20
CA ILE A 133 20.79 4.29 2.07
C ILE A 133 21.47 5.35 1.20
N VAL A 134 21.21 6.61 1.50
CA VAL A 134 21.75 7.74 0.76
C VAL A 134 22.97 8.22 1.53
N VAL A 135 24.16 7.99 0.96
CA VAL A 135 25.43 8.23 1.63
C VAL A 135 25.91 9.63 1.27
N GLY A 136 26.25 10.40 2.31
CA GLY A 136 26.69 11.78 2.22
C GLY A 136 28.20 12.03 2.37
N ASP A 137 28.69 12.17 3.63
CA ASP A 137 30.07 12.71 3.85
C ASP A 137 30.82 12.40 5.17
N THR A 138 31.93 11.65 5.03
CA THR A 138 33.13 11.56 5.92
C THR A 138 33.93 10.30 5.55
N HIS B 1 -4.77 -45.83 -4.11
CA HIS B 1 -3.33 -45.90 -3.70
C HIS B 1 -3.22 -45.91 -2.18
N MET B 2 -2.52 -46.91 -1.63
CA MET B 2 -2.44 -47.07 -0.17
C MET B 2 -1.14 -46.53 0.44
N ALA B 3 -0.15 -46.22 -0.39
CA ALA B 3 1.07 -45.54 0.04
C ALA B 3 1.58 -44.65 -1.08
N SER B 4 2.41 -43.68 -0.72
CA SER B 4 2.95 -42.72 -1.70
C SER B 4 4.26 -42.12 -1.27
N LYS B 5 5.09 -41.78 -2.25
CA LYS B 5 6.37 -41.09 -2.01
C LYS B 5 6.12 -39.63 -1.63
N PRO B 6 6.90 -39.09 -0.67
CA PRO B 6 6.78 -37.66 -0.35
C PRO B 6 7.48 -36.72 -1.31
N VAL B 7 6.83 -35.60 -1.61
CA VAL B 7 7.51 -34.43 -2.11
C VAL B 7 7.64 -33.55 -0.87
N TRP B 8 8.84 -33.55 -0.27
CA TRP B 8 9.01 -33.06 1.13
C TRP B 8 8.54 -31.61 1.27
N GLY B 9 7.63 -31.36 2.22
CA GLY B 9 7.20 -30.03 2.55
C GLY B 9 6.01 -29.47 1.78
N ASP B 10 5.52 -30.20 0.78
CA ASP B 10 4.44 -29.72 -0.08
C ASP B 10 3.08 -30.16 0.46
N VAL B 11 2.71 -29.51 1.56
CA VAL B 11 1.54 -29.84 2.34
C VAL B 11 0.31 -29.79 1.44
N ASN B 12 0.20 -28.73 0.63
CA ASN B 12 -0.99 -28.49 -0.17
C ASN B 12 -0.94 -29.08 -1.59
N CYS B 13 0.11 -29.83 -1.88
CA CYS B 13 0.28 -30.61 -3.11
C CYS B 13 0.23 -29.77 -4.39
N ASP B 14 0.80 -28.56 -4.35
CA ASP B 14 0.79 -27.71 -5.54
C ASP B 14 2.12 -27.67 -6.32
N GLY B 15 3.10 -28.48 -5.93
CA GLY B 15 4.38 -28.55 -6.64
C GLY B 15 5.46 -27.61 -6.14
N ASP B 16 5.07 -26.62 -5.32
CA ASP B 16 6.00 -25.69 -4.66
C ASP B 16 6.00 -25.90 -3.17
N VAL B 17 7.14 -25.63 -2.55
CA VAL B 17 7.27 -25.66 -1.11
C VAL B 17 7.55 -24.25 -0.67
N ASN B 18 6.59 -23.65 0.02
CA ASN B 18 6.68 -22.24 0.38
C ASN B 18 5.86 -21.99 1.64
N VAL B 19 5.75 -20.73 2.05
CA VAL B 19 5.07 -20.43 3.30
C VAL B 19 3.56 -20.73 3.31
N ALA B 20 2.95 -20.96 2.16
CA ALA B 20 1.56 -21.44 2.13
C ALA B 20 1.46 -22.83 2.81
N ASP B 21 2.48 -23.64 2.55
CA ASP B 21 2.58 -24.95 3.17
C ASP B 21 2.77 -24.88 4.66
N VAL B 22 3.58 -23.91 5.10
CA VAL B 22 3.82 -23.71 6.52
C VAL B 22 2.52 -23.30 7.20
N VAL B 23 1.87 -22.29 6.64
CA VAL B 23 0.62 -21.76 7.16
C VAL B 23 -0.45 -22.84 7.26
N LEU B 24 -0.58 -23.66 6.21
CA LEU B 24 -1.62 -24.71 6.17
C LEU B 24 -1.36 -25.85 7.13
N LEU B 25 -0.10 -26.26 7.25
CA LEU B 25 0.28 -27.23 8.29
C LEU B 25 0.06 -26.69 9.70
N ASN B 26 0.45 -25.45 9.95
CA ASN B 26 0.19 -24.82 11.25
C ASN B 26 -1.30 -24.77 11.59
N LYS B 27 -2.10 -24.43 10.59
CA LYS B 27 -3.55 -24.47 10.71
C LYS B 27 -4.04 -25.89 11.06
N TRP B 28 -3.55 -26.90 10.32
CA TRP B 28 -3.97 -28.28 10.56
C TRP B 28 -3.48 -28.82 11.90
N LEU B 29 -2.20 -28.61 12.21
CA LEU B 29 -1.64 -28.98 13.52
C LEU B 29 -2.47 -28.41 14.67
N ASN B 30 -2.87 -27.15 14.51
CA ASN B 30 -3.72 -26.47 15.47
C ASN B 30 -5.08 -27.14 15.61
N ASN B 31 -5.70 -27.48 14.46
CA ASN B 31 -6.95 -28.23 14.45
C ASN B 31 -7.10 -28.97 13.13
N ASN B 32 -7.07 -30.30 13.20
CA ASN B 32 -7.12 -31.17 12.01
C ASN B 32 -8.27 -30.82 11.06
N ALA B 33 -9.41 -30.44 11.62
CA ALA B 33 -10.62 -30.16 10.84
C ALA B 33 -10.59 -28.86 10.02
N ASP B 34 -9.67 -27.93 10.33
CA ASP B 34 -9.63 -26.63 9.63
C ASP B 34 -9.04 -26.68 8.22
N TYR B 35 -8.36 -27.78 7.89
CA TYR B 35 -7.80 -27.95 6.57
C TYR B 35 -7.97 -29.40 6.14
N ALA B 36 -8.64 -29.60 5.00
CA ALA B 36 -8.78 -30.90 4.40
C ALA B 36 -7.45 -31.35 3.81
N MET B 37 -6.52 -31.79 4.65
CA MET B 37 -5.20 -32.21 4.15
C MET B 37 -5.32 -33.60 3.58
N THR B 38 -4.75 -33.78 2.39
CA THR B 38 -4.83 -35.05 1.66
C THR B 38 -3.85 -36.04 2.25
N ASP B 39 -4.04 -37.31 1.93
CA ASP B 39 -3.07 -38.35 2.29
C ASP B 39 -1.68 -38.02 1.74
N GLN B 40 -1.63 -37.53 0.50
CA GLN B 40 -0.37 -37.08 -0.09
C GLN B 40 0.23 -35.93 0.69
N GLY B 41 -0.62 -34.97 1.08
CA GLY B 41 -0.19 -33.82 1.88
C GLY B 41 0.44 -34.23 3.19
N LYS B 42 -0.19 -35.20 3.86
CA LYS B 42 0.30 -35.75 5.13
C LYS B 42 1.68 -36.36 4.94
N VAL B 43 1.82 -37.16 3.89
CA VAL B 43 3.10 -37.79 3.59
C VAL B 43 4.15 -36.72 3.29
N ASN B 44 3.74 -35.71 2.51
CA ASN B 44 4.63 -34.58 2.18
C ASN B 44 5.04 -33.76 3.42
N ALA B 45 4.11 -33.56 4.35
CA ALA B 45 4.34 -32.72 5.51
C ALA B 45 5.31 -33.34 6.53
N ASP B 46 5.26 -34.66 6.66
CA ASP B 46 6.07 -35.36 7.64
C ASP B 46 7.50 -35.43 7.10
N CYS B 47 8.24 -34.36 7.34
CA CYS B 47 9.61 -34.18 6.87
C CYS B 47 10.63 -34.07 8.01
N PHE B 48 10.19 -34.14 9.27
CA PHE B 48 11.11 -34.22 10.41
C PHE B 48 10.91 -35.58 11.08
N ASN B 49 11.98 -36.37 11.16
CA ASN B 49 11.86 -37.79 11.54
C ASN B 49 10.78 -38.47 10.71
N PRO B 50 10.91 -38.42 9.38
CA PRO B 50 9.91 -39.08 8.54
C PRO B 50 9.99 -40.59 8.68
N GLN B 51 9.04 -41.30 8.09
CA GLN B 51 9.06 -42.74 8.12
C GLN B 51 10.25 -43.29 7.33
N ASP B 52 10.52 -42.73 6.15
CA ASP B 52 11.62 -43.18 5.29
C ASP B 52 12.31 -41.96 4.67
N ALA B 53 13.47 -41.60 5.22
CA ALA B 53 14.23 -40.44 4.73
C ALA B 53 14.91 -40.64 3.37
N ASN B 54 15.00 -41.89 2.89
CA ASN B 54 15.49 -42.14 1.53
C ASN B 54 14.42 -41.90 0.46
N GLY B 55 13.19 -41.64 0.88
CA GLY B 55 12.16 -41.11 -0.01
C GLY B 55 11.31 -42.13 -0.74
N GLY B 56 11.35 -43.37 -0.27
CA GLY B 56 10.43 -44.39 -0.74
C GLY B 56 9.00 -44.15 -0.24
N ALA B 57 8.09 -44.94 -0.78
CA ALA B 57 6.67 -44.79 -0.51
C ALA B 57 6.32 -45.14 0.93
N VAL B 58 5.43 -44.35 1.53
CA VAL B 58 5.06 -44.51 2.93
C VAL B 58 3.56 -44.39 3.16
N ASP B 59 3.14 -44.83 4.35
CA ASP B 59 1.74 -44.89 4.76
C ASP B 59 1.34 -43.56 5.41
N ALA B 60 0.30 -42.93 4.86
CA ALA B 60 -0.21 -41.66 5.39
C ALA B 60 -0.84 -41.78 6.80
N SER B 61 -1.35 -42.96 7.14
CA SER B 61 -1.92 -43.16 8.48
C SER B 61 -0.87 -43.35 9.58
N LYS B 62 0.40 -43.51 9.18
CA LYS B 62 1.51 -43.66 10.12
C LYS B 62 2.45 -42.45 10.17
N VAL B 63 2.01 -41.31 9.63
CA VAL B 63 2.82 -40.09 9.76
C VAL B 63 2.80 -39.58 11.20
N ASP B 64 3.88 -38.89 11.57
CA ASP B 64 3.91 -38.17 12.82
C ASP B 64 4.14 -36.70 12.52
N LEU B 65 3.07 -35.91 12.63
CA LEU B 65 3.08 -34.50 12.31
C LEU B 65 3.11 -33.68 13.58
N THR B 66 4.11 -32.81 13.68
CA THR B 66 4.28 -31.88 14.79
C THR B 66 4.69 -30.52 14.27
N LYS B 67 4.71 -29.55 15.18
CA LYS B 67 5.20 -28.22 14.87
C LYS B 67 6.65 -28.23 14.38
N THR B 68 7.46 -29.18 14.86
CA THR B 68 8.84 -29.32 14.36
C THR B 68 8.90 -29.62 12.86
N ASP B 69 7.91 -30.34 12.32
CA ASP B 69 7.81 -30.49 10.87
C ASP B 69 7.64 -29.12 10.20
N SER B 70 6.72 -28.31 10.73
CA SER B 70 6.54 -26.95 10.22
C SER B 70 7.83 -26.12 10.31
N ASP B 71 8.53 -26.21 11.45
CA ASP B 71 9.82 -25.51 11.62
C ASP B 71 10.85 -25.92 10.56
N ALA B 72 10.90 -27.22 10.27
CA ALA B 72 11.77 -27.73 9.22
C ALA B 72 11.38 -27.20 7.85
N ILE B 73 10.08 -27.12 7.58
CA ILE B 73 9.64 -26.62 6.28
C ILE B 73 10.04 -25.17 6.08
N ILE B 74 9.79 -24.33 7.07
CA ILE B 74 10.10 -22.89 6.93
C ILE B 74 11.61 -22.65 6.82
N LYS B 75 12.41 -23.41 7.57
CA LYS B 75 13.85 -23.40 7.38
C LYS B 75 14.29 -23.80 5.96
N SER B 76 13.62 -24.80 5.37
CA SER B 76 13.93 -25.22 4.00
C SER B 76 13.54 -24.17 2.99
N VAL B 77 12.44 -23.48 3.25
CA VAL B 77 11.96 -22.43 2.37
C VAL B 77 12.99 -21.33 2.22
N VAL B 78 13.60 -20.88 3.33
CA VAL B 78 14.69 -19.88 3.23
C VAL B 78 16.11 -20.50 3.01
N HIS B 79 16.17 -21.76 2.62
CA HIS B 79 17.42 -22.46 2.27
C HIS B 79 18.42 -22.65 3.41
N LEU B 80 17.93 -22.61 4.64
CA LEU B 80 18.80 -22.88 5.80
C LEU B 80 19.11 -24.35 5.88
N ILE B 81 18.13 -25.19 5.50
CA ILE B 81 18.29 -26.63 5.48
C ILE B 81 17.63 -27.24 4.27
N THR B 82 17.91 -28.51 4.07
CA THR B 82 17.22 -29.34 3.10
C THR B 82 16.42 -30.39 3.83
N LEU B 83 15.29 -30.78 3.24
CA LEU B 83 14.44 -31.81 3.84
C LEU B 83 14.90 -33.18 3.34
N PRO B 84 14.70 -34.25 4.11
CA PRO B 84 14.11 -34.24 5.46
C PRO B 84 15.13 -34.02 6.57
N ALA B 85 14.64 -33.69 7.76
CA ALA B 85 15.45 -33.47 8.96
C ALA B 85 15.22 -34.56 10.02
N LYS B 86 16.11 -34.62 11.01
CA LYS B 86 15.94 -35.52 12.15
C LYS B 86 16.38 -34.88 13.47
N GLY B 87 16.01 -35.54 14.57
CA GLY B 87 16.36 -35.07 15.91
C GLY B 87 15.59 -35.81 17.01
N THR C 1 -8.78 21.63 16.65
CA THR C 1 -9.19 20.19 16.68
C THR C 1 -9.27 19.65 15.24
N PRO C 2 -8.19 19.02 14.74
CA PRO C 2 -8.30 18.24 13.51
C PRO C 2 -9.38 17.15 13.60
N ALA C 3 -10.22 17.06 12.57
CA ALA C 3 -11.37 16.15 12.55
C ALA C 3 -10.96 14.79 13.09
N THR C 4 -11.75 14.30 14.06
CA THR C 4 -11.43 13.10 14.82
C THR C 4 -12.02 11.85 14.15
N GLY C 5 -11.40 10.70 14.38
CA GLY C 5 -11.86 9.44 13.87
C GLY C 5 -11.12 8.98 12.61
N SER C 6 -11.85 8.24 11.79
CA SER C 6 -11.23 7.57 10.67
C SER C 6 -12.28 7.22 9.65
N ALA C 7 -11.77 6.81 8.50
CA ALA C 7 -12.50 6.05 7.52
C ALA C 7 -11.51 5.17 6.74
N GLU C 8 -12.09 4.22 6.02
CA GLU C 8 -11.38 3.37 5.11
C GLU C 8 -11.97 3.69 3.73
N TRP C 9 -11.11 3.91 2.74
CA TRP C 9 -11.55 4.20 1.38
C TRP C 9 -11.16 2.99 0.58
N VAL C 10 -12.14 2.29 0.01
CA VAL C 10 -11.94 0.95 -0.55
C VAL C 10 -12.16 0.93 -2.05
N ILE C 11 -11.07 0.67 -2.79
CA ILE C 11 -11.20 0.25 -4.18
C ILE C 11 -11.59 -1.24 -4.05
N PRO C 12 -12.68 -1.66 -4.70
CA PRO C 12 -13.18 -3.03 -4.51
C PRO C 12 -12.36 -4.08 -5.22
N THR C 13 -12.54 -5.33 -4.78
CA THR C 13 -12.01 -6.49 -5.48
C THR C 13 -13.14 -7.15 -6.24
N VAL C 14 -13.02 -7.13 -7.57
CA VAL C 14 -14.04 -7.68 -8.44
C VAL C 14 -13.51 -8.83 -9.31
N ASN C 15 -14.41 -9.77 -9.62
CA ASN C 15 -14.15 -10.80 -10.63
C ASN C 15 -14.58 -10.30 -11.99
N ALA C 16 -13.86 -10.74 -13.02
CA ALA C 16 -14.19 -10.34 -14.37
C ALA C 16 -13.68 -11.34 -15.38
N LYS C 17 -14.30 -11.35 -16.55
CA LYS C 17 -13.87 -12.18 -17.65
C LYS C 17 -13.07 -11.29 -18.61
N PRO C 18 -12.12 -11.89 -19.35
CA PRO C 18 -11.50 -11.16 -20.45
C PRO C 18 -12.55 -10.65 -21.42
N GLY C 19 -12.34 -9.44 -21.93
CA GLY C 19 -13.32 -8.76 -22.78
C GLY C 19 -14.33 -7.91 -22.04
N GLU C 20 -14.38 -7.98 -20.70
CA GLU C 20 -15.43 -7.30 -19.91
C GLU C 20 -15.13 -5.81 -19.56
N LYS C 21 -16.17 -4.95 -19.71
CA LYS C 21 -16.16 -3.62 -19.14
C LYS C 21 -16.49 -3.78 -17.66
N VAL C 22 -15.64 -3.21 -16.81
CA VAL C 22 -15.77 -3.33 -15.36
C VAL C 22 -15.98 -1.94 -14.77
N THR C 23 -17.07 -1.79 -14.03
CA THR C 23 -17.36 -0.60 -13.27
C THR C 23 -16.95 -0.88 -11.82
N MET C 24 -16.04 -0.07 -11.27
CA MET C 24 -15.60 -0.19 -9.89
C MET C 24 -16.08 1.03 -9.09
N ASP C 25 -16.97 0.80 -8.14
CA ASP C 25 -17.36 1.80 -7.19
C ASP C 25 -16.39 1.84 -6.02
N VAL C 26 -15.77 2.97 -5.82
CA VAL C 26 -14.80 3.16 -4.77
C VAL C 26 -15.57 3.79 -3.63
N VAL C 27 -15.56 3.11 -2.47
CA VAL C 27 -16.55 3.40 -1.41
C VAL C 27 -15.85 3.69 -0.08
N VAL C 28 -16.61 4.33 0.80
CA VAL C 28 -16.17 4.63 2.15
C VAL C 28 -16.68 3.51 3.03
N LYS C 29 -15.82 3.03 3.92
CA LYS C 29 -16.18 2.01 4.91
C LYS C 29 -15.84 2.52 6.30
N ASN C 30 -16.67 2.15 7.27
CA ASN C 30 -16.44 2.57 8.66
C ASN C 30 -16.19 4.10 8.73
N SER C 31 -17.08 4.84 8.06
CA SER C 31 -17.02 6.30 7.98
C SER C 31 -17.22 6.93 9.34
N ALA C 32 -16.20 7.61 9.80
CA ALA C 32 -16.19 8.21 11.12
C ALA C 32 -15.25 9.40 11.17
N ILE C 33 -15.24 10.20 10.10
CA ILE C 33 -14.40 11.38 10.03
C ILE C 33 -14.97 12.32 8.98
N GLU C 34 -14.92 13.61 9.29
CA GLU C 34 -15.44 14.64 8.40
C GLU C 34 -14.34 15.07 7.46
N VAL C 35 -14.55 14.85 6.17
CA VAL C 35 -13.53 15.13 5.14
C VAL C 35 -14.04 16.30 4.30
N ALA C 36 -13.20 17.33 4.16
CA ALA C 36 -13.51 18.51 3.33
C ALA C 36 -13.00 18.40 1.89
N GLY C 37 -11.89 17.72 1.71
CA GLY C 37 -11.33 17.61 0.39
C GLY C 37 -10.25 16.58 0.27
N ALA C 38 -10.04 16.14 -0.95
CA ALA C 38 -8.94 15.15 -1.21
C ALA C 38 -8.46 15.20 -2.62
N GLN C 39 -7.25 14.67 -2.79
CA GLN C 39 -6.62 14.50 -4.08
C GLN C 39 -5.81 13.20 -4.06
N PHE C 40 -5.85 12.49 -5.17
CA PHE C 40 -5.29 11.15 -5.23
C PHE C 40 -5.24 10.65 -6.64
N ASN C 41 -4.24 9.81 -6.93
CA ASN C 41 -4.26 8.97 -8.11
C ASN C 41 -4.89 7.65 -7.76
N ILE C 42 -5.59 7.08 -8.73
CA ILE C 42 -5.94 5.65 -8.73
C ILE C 42 -5.56 5.10 -10.10
N LYS C 43 -4.77 4.02 -10.09
CA LYS C 43 -4.22 3.40 -11.29
C LYS C 43 -4.35 1.87 -11.28
N GLN C 44 -4.79 1.32 -12.41
CA GLN C 44 -4.89 -0.11 -12.65
C GLN C 44 -3.60 -0.69 -13.24
N THR C 45 -3.34 -1.92 -12.89
CA THR C 45 -2.26 -2.73 -13.43
C THR C 45 -2.56 -3.18 -14.84
N ALA C 46 -1.56 -3.05 -15.73
CA ALA C 46 -1.68 -3.49 -17.13
C ALA C 46 -1.88 -5.02 -17.20
N PRO C 47 -2.53 -5.53 -18.24
CA PRO C 47 -3.00 -4.79 -19.42
C PRO C 47 -4.42 -4.19 -19.30
N ILE C 48 -4.99 -4.15 -18.12
CA ILE C 48 -6.33 -3.58 -17.98
C ILE C 48 -6.29 -2.13 -18.47
N ALA C 49 -7.26 -1.75 -19.28
CA ALA C 49 -7.34 -0.40 -19.86
C ALA C 49 -8.31 0.49 -19.08
N TYR C 50 -8.03 1.80 -19.05
CA TYR C 50 -8.86 2.75 -18.32
C TYR C 50 -9.96 3.27 -19.22
N GLY C 51 -11.19 3.32 -18.71
CA GLY C 51 -12.29 3.95 -19.41
C GLY C 51 -12.42 5.40 -19.01
N SER C 52 -13.09 5.63 -17.88
CA SER C 52 -13.40 6.98 -17.41
C SER C 52 -13.84 6.97 -15.96
N ALA C 53 -13.94 8.16 -15.39
CA ALA C 53 -14.34 8.35 -14.03
C ALA C 53 -15.67 9.09 -13.99
N ALA C 54 -16.44 8.82 -12.93
CA ALA C 54 -17.71 9.51 -12.70
C ALA C 54 -17.79 9.84 -11.22
N SER C 55 -18.33 11.00 -10.90
CA SER C 55 -18.43 11.42 -9.51
C SER C 55 -19.35 10.48 -8.71
N GLY C 56 -18.98 10.26 -7.44
CA GLY C 56 -19.86 9.67 -6.46
C GLY C 56 -20.46 10.78 -5.59
N ASP C 57 -21.35 10.40 -4.67
CA ASP C 57 -22.01 11.37 -3.79
C ASP C 57 -21.56 11.29 -2.33
N ALA C 58 -20.49 10.55 -2.07
CA ALA C 58 -19.98 10.38 -0.70
C ALA C 58 -19.55 11.71 -0.13
N TYR C 59 -18.72 12.45 -0.84
CA TYR C 59 -18.18 13.69 -0.30
C TYR C 59 -18.54 14.90 -1.14
N ALA C 60 -17.90 15.03 -2.30
CA ALA C 60 -18.13 16.19 -3.16
C ALA C 60 -17.82 15.79 -4.58
N ALA C 61 -18.16 16.66 -5.51
CA ALA C 61 -18.03 16.38 -6.94
C ALA C 61 -16.55 16.16 -7.33
N ILE C 62 -16.31 15.15 -8.15
CA ILE C 62 -14.95 14.82 -8.61
C ILE C 62 -14.50 15.70 -9.78
N VAL C 63 -13.28 16.19 -9.68
CA VAL C 63 -12.60 16.92 -10.76
C VAL C 63 -11.54 15.95 -11.26
N PRO C 64 -11.76 15.36 -12.45
CA PRO C 64 -10.87 14.31 -12.94
C PRO C 64 -9.87 14.78 -14.00
N ASN C 65 -8.61 14.40 -13.86
CA ASN C 65 -7.66 14.41 -14.98
C ASN C 65 -7.61 12.99 -15.53
N GLU C 66 -8.26 12.79 -16.67
CA GLU C 66 -8.43 11.45 -17.24
C GLU C 66 -7.15 10.91 -17.87
N THR C 67 -6.32 11.78 -18.45
CA THR C 67 -5.00 11.41 -18.94
C THR C 67 -4.13 10.88 -17.82
N GLU C 68 -4.12 11.57 -16.67
CA GLU C 68 -3.23 11.25 -15.57
C GLU C 68 -3.88 10.36 -14.49
N GLN C 69 -5.16 10.02 -14.66
CA GLN C 69 -5.94 9.34 -13.60
C GLN C 69 -5.60 9.90 -12.25
N TYR C 70 -5.71 11.23 -12.19
CA TYR C 70 -5.49 12.02 -11.00
C TYR C 70 -6.81 12.75 -10.70
N TYR C 71 -7.28 12.63 -9.46
CA TYR C 71 -8.61 13.08 -9.09
C TYR C 71 -8.60 13.92 -7.82
N ALA C 72 -9.55 14.86 -7.74
CA ALA C 72 -9.68 15.69 -6.55
C ALA C 72 -11.15 16.11 -6.31
N PHE C 73 -11.46 16.36 -5.05
CA PHE C 73 -12.74 17.02 -4.66
C PHE C 73 -12.48 18.01 -3.55
N GLY C 74 -13.33 19.03 -3.48
CA GLY C 74 -13.31 19.99 -2.39
C GLY C 74 -14.74 20.47 -2.14
N GLU C 75 -15.24 20.26 -0.94
CA GLU C 75 -16.60 20.64 -0.58
C GLU C 75 -16.81 22.12 -0.84
N GLY C 76 -17.93 22.42 -1.52
CA GLY C 76 -18.22 23.74 -2.10
C GLY C 76 -18.08 24.99 -1.23
N ILE C 77 -18.29 24.82 0.08
CA ILE C 77 -18.13 25.90 1.05
C ILE C 77 -17.15 25.51 2.17
N GLY C 78 -16.25 24.57 1.86
CA GLY C 78 -15.20 24.17 2.78
C GLY C 78 -15.62 23.43 4.05
N LYS C 79 -16.80 22.81 4.04
CA LYS C 79 -17.27 22.01 5.17
C LYS C 79 -16.67 20.62 5.06
N GLY C 80 -16.45 19.99 6.22
CA GLY C 80 -16.17 18.57 6.29
C GLY C 80 -17.47 17.80 6.18
N ILE C 81 -17.45 16.69 5.45
CA ILE C 81 -18.61 15.83 5.28
C ILE C 81 -18.22 14.45 5.80
N LYS C 82 -19.06 13.93 6.70
CA LYS C 82 -18.93 12.53 7.12
C LYS C 82 -19.84 11.74 6.19
N ALA C 83 -19.24 11.05 5.22
CA ALA C 83 -19.97 10.27 4.26
C ALA C 83 -20.78 9.17 4.94
N ALA C 84 -21.87 8.81 4.29
CA ALA C 84 -22.67 7.64 4.69
C ALA C 84 -21.84 6.40 4.40
N ASP C 85 -21.86 5.41 5.31
CA ASP C 85 -21.16 4.14 5.07
C ASP C 85 -21.48 3.53 3.71
N GLY C 86 -20.45 3.12 2.98
CA GLY C 86 -20.67 2.46 1.70
C GLY C 86 -20.93 3.40 0.55
N ALA C 87 -20.98 4.71 0.80
CA ALA C 87 -21.26 5.66 -0.27
C ALA C 87 -20.06 5.79 -1.21
N LYS C 88 -20.35 6.12 -2.46
CA LYS C 88 -19.37 6.13 -3.57
C LYS C 88 -18.60 7.45 -3.58
N ILE C 89 -17.29 7.38 -3.42
CA ILE C 89 -16.38 8.54 -3.56
C ILE C 89 -16.24 8.90 -5.05
N ILE C 90 -16.01 7.86 -5.87
CA ILE C 90 -15.73 7.95 -7.30
C ILE C 90 -16.03 6.58 -7.92
N THR C 91 -16.44 6.57 -9.17
CA THR C 91 -16.73 5.34 -9.93
C THR C 91 -15.83 5.34 -11.18
N LEU C 92 -15.10 4.25 -11.34
CA LEU C 92 -14.10 4.12 -12.39
C LEU C 92 -14.48 2.96 -13.28
N THR C 93 -14.48 3.16 -14.58
CA THR C 93 -14.70 2.04 -15.47
C THR C 93 -13.38 1.65 -16.13
N PHE C 94 -13.20 0.35 -16.31
CA PHE C 94 -12.01 -0.20 -16.96
C PHE C 94 -12.51 -1.22 -17.97
N ASN C 95 -11.62 -1.64 -18.87
CA ASN C 95 -11.93 -2.63 -19.88
C ASN C 95 -10.86 -3.68 -19.83
N VAL C 96 -11.27 -4.94 -19.66
CA VAL C 96 -10.34 -6.06 -19.61
C VAL C 96 -10.14 -6.57 -21.04
N PRO C 97 -8.90 -6.55 -21.55
CA PRO C 97 -8.68 -7.07 -22.90
C PRO C 97 -9.07 -8.53 -23.00
N ALA C 98 -9.59 -8.93 -24.15
CA ALA C 98 -9.89 -10.33 -24.44
C ALA C 98 -8.68 -11.26 -24.33
N ASP C 99 -7.48 -10.73 -24.57
CA ASP C 99 -6.24 -11.50 -24.44
C ASP C 99 -5.58 -11.35 -23.07
N CYS C 100 -6.31 -10.85 -22.06
CA CYS C 100 -5.77 -10.72 -20.71
C CYS C 100 -5.57 -12.11 -20.11
N ALA C 101 -4.37 -12.38 -19.59
CA ALA C 101 -4.08 -13.66 -18.95
C ALA C 101 -4.79 -13.72 -17.59
N LYS C 102 -5.08 -14.93 -17.11
CA LYS C 102 -5.67 -15.08 -15.78
C LYS C 102 -4.77 -14.43 -14.73
N GLY C 103 -5.37 -13.77 -13.74
CA GLY C 103 -4.59 -13.18 -12.64
C GLY C 103 -5.30 -12.12 -11.84
N THR C 104 -4.59 -11.63 -10.83
CA THR C 104 -5.01 -10.52 -10.01
C THR C 104 -4.29 -9.28 -10.51
N TYR C 105 -5.06 -8.29 -10.93
CA TYR C 105 -4.57 -7.02 -11.46
C TYR C 105 -4.98 -5.88 -10.50
N PRO C 106 -4.05 -5.45 -9.63
CA PRO C 106 -4.35 -4.44 -8.66
C PRO C 106 -4.84 -3.12 -9.24
N VAL C 107 -5.79 -2.49 -8.55
CA VAL C 107 -6.15 -1.11 -8.80
C VAL C 107 -5.82 -0.42 -7.49
N LYS C 108 -4.88 0.54 -7.52
CA LYS C 108 -4.28 1.07 -6.32
C LYS C 108 -4.33 2.58 -6.17
N TRP C 109 -4.40 3.02 -4.92
CA TRP C 109 -4.27 4.42 -4.59
C TRP C 109 -2.80 4.83 -4.61
N SER C 110 -2.53 6.08 -4.97
CA SER C 110 -1.26 6.70 -4.70
C SER C 110 -1.39 8.21 -4.64
N ASN C 111 -0.34 8.83 -4.08
CA ASN C 111 -0.17 10.29 -4.06
C ASN C 111 -1.37 10.96 -3.40
N ALA C 112 -1.87 10.33 -2.33
CA ALA C 112 -3.08 10.81 -1.66
C ALA C 112 -2.73 11.94 -0.72
N PHE C 113 -3.56 12.99 -0.77
CA PHE C 113 -3.54 14.00 0.24
C PHE C 113 -5.00 14.33 0.59
N ILE C 114 -5.31 14.31 1.87
CA ILE C 114 -6.71 14.42 2.30
C ILE C 114 -6.75 15.47 3.38
N THR C 115 -7.72 16.38 3.30
CA THR C 115 -7.78 17.50 4.21
C THR C 115 -9.14 17.59 4.94
N ASP C 116 -9.10 18.09 6.15
CA ASP C 116 -10.32 18.41 6.91
C ASP C 116 -10.76 19.85 6.61
N THR C 117 -11.84 20.27 7.27
CA THR C 117 -12.39 21.59 7.04
C THR C 117 -11.50 22.79 7.39
N ASN C 118 -10.49 22.58 8.25
CA ASN C 118 -9.55 23.65 8.60
C ASN C 118 -8.18 23.52 7.90
N GLY C 119 -8.13 22.76 6.82
CA GLY C 119 -6.88 22.60 6.08
C GLY C 119 -5.85 21.67 6.68
N ASN C 120 -6.20 20.90 7.72
CA ASN C 120 -5.26 19.96 8.35
C ASN C 120 -5.21 18.68 7.54
N LYS C 121 -4.00 18.15 7.35
CA LYS C 121 -3.80 16.87 6.73
C LYS C 121 -4.40 15.80 7.62
N ILE C 122 -5.26 14.98 7.05
CA ILE C 122 -5.84 13.83 7.73
C ILE C 122 -5.63 12.54 6.94
N THR C 123 -4.72 12.54 5.94
CA THR C 123 -4.47 11.34 5.16
C THR C 123 -4.16 10.11 6.04
N ASP C 124 -3.40 10.33 7.12
CA ASP C 124 -3.06 9.25 8.06
C ASP C 124 -4.27 8.60 8.73
N LYS C 125 -5.35 9.36 8.89
CA LYS C 125 -6.56 8.82 9.52
C LYS C 125 -7.40 7.99 8.55
N ILE C 126 -7.09 8.07 7.25
CA ILE C 126 -7.84 7.36 6.22
C ILE C 126 -7.05 6.16 5.74
N THR C 127 -7.62 4.97 5.94
CA THR C 127 -7.00 3.75 5.39
C THR C 127 -7.34 3.65 3.90
N LEU C 128 -6.31 3.66 3.05
CA LEU C 128 -6.50 3.62 1.61
C LEU C 128 -6.24 2.21 1.13
N THR C 129 -7.33 1.49 0.85
CA THR C 129 -7.33 0.05 0.66
C THR C 129 -7.41 -0.18 -0.84
N ASP C 130 -6.35 -0.78 -1.38
CA ASP C 130 -6.30 -1.06 -2.80
C ASP C 130 -7.25 -2.23 -3.10
N GLY C 131 -7.74 -2.25 -4.35
CA GLY C 131 -8.54 -3.30 -4.88
C GLY C 131 -7.86 -4.00 -6.02
N ALA C 132 -8.68 -4.71 -6.79
CA ALA C 132 -8.16 -5.44 -7.92
C ALA C 132 -9.27 -5.89 -8.83
N ILE C 133 -8.89 -6.18 -10.06
CA ILE C 133 -9.72 -6.91 -11.00
C ILE C 133 -9.09 -8.28 -11.13
N VAL C 134 -9.82 -9.31 -10.72
CA VAL C 134 -9.34 -10.68 -10.75
C VAL C 134 -9.91 -11.29 -12.03
N VAL C 135 -9.04 -11.53 -13.01
CA VAL C 135 -9.45 -11.96 -14.35
C VAL C 135 -9.43 -13.48 -14.38
N GLY C 136 -10.56 -14.06 -14.80
CA GLY C 136 -10.87 -15.48 -14.53
C GLY C 136 -10.92 -16.24 -15.83
N ASP C 137 -10.18 -17.35 -15.90
CA ASP C 137 -10.00 -18.07 -17.15
C ASP C 137 -9.51 -19.49 -16.96
N HIS D 1 4.35 45.98 4.46
CA HIS D 1 4.27 45.75 2.99
C HIS D 1 2.85 46.04 2.49
N MET D 2 2.74 46.84 1.42
CA MET D 2 1.45 47.20 0.87
C MET D 2 1.04 46.40 -0.37
N ALA D 3 1.98 45.66 -0.95
CA ALA D 3 1.72 44.81 -2.11
C ALA D 3 2.66 43.62 -2.09
N SER D 4 2.29 42.58 -2.82
CA SER D 4 3.09 41.36 -2.87
C SER D 4 2.85 40.55 -4.13
N LYS D 5 3.87 39.81 -4.56
CA LYS D 5 3.76 38.88 -5.69
C LYS D 5 2.96 37.64 -5.28
N PRO D 6 2.12 37.10 -6.18
CA PRO D 6 1.42 35.85 -5.88
C PRO D 6 2.26 34.58 -6.07
N VAL D 7 2.10 33.64 -5.15
CA VAL D 7 2.39 32.23 -5.43
C VAL D 7 1.02 31.64 -5.73
N TRP D 8 0.72 31.44 -7.00
CA TRP D 8 -0.66 31.20 -7.47
C TRP D 8 -1.30 30.00 -6.78
N GLY D 9 -2.45 30.21 -6.16
CA GLY D 9 -3.23 29.11 -5.57
C GLY D 9 -2.92 28.77 -4.13
N ASP D 10 -1.93 29.40 -3.52
CA ASP D 10 -1.47 29.02 -2.19
C ASP D 10 -2.15 29.88 -1.14
N VAL D 11 -3.44 29.61 -0.97
CA VAL D 11 -4.33 30.39 -0.14
C VAL D 11 -3.76 30.48 1.27
N ASN D 12 -3.31 29.34 1.81
CA ASN D 12 -2.89 29.26 3.20
C ASN D 12 -1.38 29.50 3.43
N CYS D 13 -0.67 29.87 2.36
CA CYS D 13 0.73 30.30 2.39
C CYS D 13 1.69 29.25 2.96
N ASP D 14 1.46 27.98 2.65
CA ASP D 14 2.34 26.92 3.17
C ASP D 14 3.34 26.37 2.14
N GLY D 15 3.40 26.95 0.94
CA GLY D 15 4.37 26.54 -0.08
C GLY D 15 3.90 25.43 -1.01
N ASP D 16 2.76 24.80 -0.68
CA ASP D 16 2.12 23.79 -1.53
C ASP D 16 0.79 24.34 -2.01
N VAL D 17 0.39 23.91 -3.21
CA VAL D 17 -0.94 24.20 -3.72
C VAL D 17 -1.67 22.88 -3.81
N ASN D 18 -2.68 22.71 -2.98
CA ASN D 18 -3.39 21.46 -2.88
C ASN D 18 -4.83 21.70 -2.43
N VAL D 19 -5.58 20.63 -2.17
CA VAL D 19 -7.01 20.81 -1.83
C VAL D 19 -7.27 21.50 -0.50
N ALA D 20 -6.26 21.63 0.37
CA ALA D 20 -6.41 22.45 1.59
C ALA D 20 -6.68 23.92 1.19
N ASP D 21 -6.00 24.35 0.15
CA ASP D 21 -6.20 25.70 -0.39
C ASP D 21 -7.57 25.89 -0.97
N VAL D 22 -8.07 24.87 -1.65
CA VAL D 22 -9.39 24.90 -2.25
C VAL D 22 -10.45 25.00 -1.14
N VAL D 23 -10.34 24.10 -0.17
CA VAL D 23 -11.24 24.03 0.97
C VAL D 23 -11.27 25.35 1.72
N LEU D 24 -10.10 25.95 1.97
CA LEU D 24 -10.00 27.19 2.76
C LEU D 24 -10.53 28.41 2.01
N LEU D 25 -10.27 28.48 0.71
CA LEU D 25 -10.90 29.49 -0.12
C LEU D 25 -12.42 29.36 -0.17
N ASN D 26 -12.91 28.14 -0.38
CA ASN D 26 -14.36 27.88 -0.36
C ASN D 26 -14.99 28.31 0.96
N LYS D 27 -14.31 27.97 2.05
CA LYS D 27 -14.75 28.42 3.38
C LYS D 27 -14.80 29.97 3.47
N TRP D 28 -13.74 30.62 3.01
CA TRP D 28 -13.67 32.09 3.06
C TRP D 28 -14.69 32.77 2.12
N LEU D 29 -14.74 32.29 0.87
CA LEU D 29 -15.75 32.78 -0.09
C LEU D 29 -17.15 32.70 0.49
N ASN D 30 -17.44 31.59 1.16
CA ASN D 30 -18.71 31.38 1.83
C ASN D 30 -18.96 32.39 2.95
N ASN D 31 -17.93 32.61 3.78
CA ASN D 31 -17.99 33.63 4.82
C ASN D 31 -16.58 34.09 5.18
N ASN D 32 -16.28 35.36 4.88
CA ASN D 32 -14.95 35.95 5.08
C ASN D 32 -14.42 35.73 6.49
N ALA D 33 -15.31 35.79 7.48
CA ALA D 33 -14.94 35.68 8.89
C ALA D 33 -14.52 34.29 9.37
N ASP D 34 -14.84 33.23 8.61
CA ASP D 34 -14.51 31.86 9.04
C ASP D 34 -13.03 31.46 8.87
N TYR D 35 -12.29 32.24 8.10
CA TYR D 35 -10.88 31.96 7.88
C TYR D 35 -10.10 33.27 7.85
N ALA D 36 -9.13 33.37 8.74
CA ALA D 36 -8.26 34.54 8.78
C ALA D 36 -7.29 34.49 7.61
N MET D 37 -7.76 34.81 6.41
CA MET D 37 -6.90 34.75 5.22
C MET D 37 -6.03 36.00 5.20
N THR D 38 -4.74 35.79 4.96
CA THR D 38 -3.75 36.84 4.97
C THR D 38 -3.82 37.62 3.67
N ASP D 39 -3.23 38.81 3.67
CA ASP D 39 -3.07 39.61 2.45
C ASP D 39 -2.33 38.80 1.37
N GLN D 40 -1.29 38.07 1.78
CA GLN D 40 -0.58 37.20 0.85
C GLN D 40 -1.49 36.11 0.30
N GLY D 41 -2.28 35.49 1.18
CA GLY D 41 -3.25 34.47 0.79
C GLY D 41 -4.24 34.96 -0.25
N LYS D 42 -4.74 36.18 -0.04
CA LYS D 42 -5.68 36.82 -0.97
C LYS D 42 -5.03 37.00 -2.33
N VAL D 43 -3.82 37.51 -2.33
CA VAL D 43 -3.08 37.70 -3.58
C VAL D 43 -2.84 36.36 -4.25
N ASN D 44 -2.48 35.35 -3.46
CA ASN D 44 -2.27 33.99 -3.96
C ASN D 44 -3.55 33.36 -4.53
N ALA D 45 -4.68 33.60 -3.87
CA ALA D 45 -5.96 32.98 -4.25
C ALA D 45 -6.54 33.53 -5.56
N ASP D 46 -6.31 34.82 -5.82
CA ASP D 46 -6.86 35.47 -7.01
C ASP D 46 -6.01 35.06 -8.21
N CYS D 47 -6.34 33.89 -8.75
CA CYS D 47 -5.62 33.26 -9.84
C CYS D 47 -6.45 33.09 -11.13
N PHE D 48 -7.73 33.51 -11.09
CA PHE D 48 -8.55 33.58 -12.31
C PHE D 48 -8.86 35.04 -12.61
N ASN D 49 -8.45 35.52 -13.78
CA ASN D 49 -8.47 36.96 -14.08
C ASN D 49 -7.76 37.75 -12.95
N PRO D 50 -6.51 37.39 -12.65
CA PRO D 50 -5.81 38.14 -11.61
C PRO D 50 -5.51 39.57 -12.07
N GLN D 51 -5.02 40.39 -11.14
CA GLN D 51 -4.67 41.75 -11.46
C GLN D 51 -3.52 41.79 -12.45
N ASP D 52 -2.49 40.96 -12.24
CA ASP D 52 -1.31 40.91 -13.12
C ASP D 52 -0.88 39.45 -13.32
N ALA D 53 -1.21 38.91 -14.49
CA ALA D 53 -0.88 37.52 -14.82
C ALA D 53 0.61 37.27 -15.10
N ASN D 54 1.40 38.32 -15.32
CA ASN D 54 2.85 38.16 -15.45
C ASN D 54 3.56 38.03 -14.09
N GLY D 55 2.81 38.19 -13.01
CA GLY D 55 3.27 37.78 -11.68
C GLY D 55 4.00 38.83 -10.87
N GLY D 56 3.87 40.08 -11.27
CA GLY D 56 4.37 41.21 -10.51
C GLY D 56 3.53 41.45 -9.26
N ALA D 57 4.03 42.34 -8.41
CA ALA D 57 3.41 42.60 -7.12
C ALA D 57 2.07 43.31 -7.29
N VAL D 58 1.10 42.93 -6.46
CA VAL D 58 -0.26 43.45 -6.55
C VAL D 58 -0.86 43.78 -5.19
N ASP D 59 -1.94 44.53 -5.22
CA ASP D 59 -2.64 45.01 -4.03
C ASP D 59 -3.68 43.99 -3.59
N ALA D 60 -3.57 43.53 -2.34
CA ALA D 60 -4.51 42.58 -1.74
C ALA D 60 -5.93 43.13 -1.58
N SER D 61 -6.07 44.44 -1.42
CA SER D 61 -7.41 45.05 -1.30
C SER D 61 -8.14 45.19 -2.63
N LYS D 62 -7.44 44.92 -3.74
CA LYS D 62 -8.03 44.98 -5.09
C LYS D 62 -8.17 43.61 -5.75
N VAL D 63 -8.07 42.53 -4.96
CA VAL D 63 -8.33 41.20 -5.50
C VAL D 63 -9.82 41.02 -5.78
N ASP D 64 -10.11 40.17 -6.74
CA ASP D 64 -11.47 39.76 -7.02
C ASP D 64 -11.53 38.24 -6.87
N LEU D 65 -12.10 37.81 -5.75
CA LEU D 65 -12.15 36.40 -5.36
C LEU D 65 -13.55 35.88 -5.58
N THR D 66 -13.64 34.82 -6.38
CA THR D 66 -14.88 34.11 -6.65
C THR D 66 -14.66 32.62 -6.62
N LYS D 67 -15.77 31.88 -6.70
CA LYS D 67 -15.70 30.42 -6.80
C LYS D 67 -14.92 29.97 -8.06
N THR D 68 -14.93 30.76 -9.14
CA THR D 68 -14.11 30.45 -10.32
C THR D 68 -12.61 30.40 -10.01
N ASP D 69 -12.13 31.23 -9.08
CA ASP D 69 -10.76 31.09 -8.58
C ASP D 69 -10.55 29.72 -7.96
N SER D 70 -11.47 29.30 -7.09
CA SER D 70 -11.40 27.97 -6.50
C SER D 70 -11.40 26.86 -7.58
N ASP D 71 -12.28 27.00 -8.58
CA ASP D 71 -12.32 26.04 -9.70
C ASP D 71 -10.98 25.93 -10.44
N ALA D 72 -10.34 27.09 -10.64
CA ALA D 72 -9.03 27.13 -11.27
C ALA D 72 -7.98 26.44 -10.40
N ILE D 73 -8.05 26.65 -9.08
CA ILE D 73 -7.06 26.04 -8.19
C ILE D 73 -7.18 24.52 -8.23
N ILE D 74 -8.40 24.00 -8.12
CA ILE D 74 -8.58 22.54 -8.08
C ILE D 74 -8.20 21.89 -9.41
N LYS D 75 -8.53 22.55 -10.51
CA LYS D 75 -8.02 22.11 -11.82
C LYS D 75 -6.48 22.06 -11.90
N SER D 76 -5.80 23.05 -11.32
CA SER D 76 -4.33 23.08 -11.29
C SER D 76 -3.76 21.97 -10.41
N VAL D 77 -4.47 21.68 -9.32
CA VAL D 77 -4.05 20.63 -8.40
C VAL D 77 -3.99 19.27 -9.10
N VAL D 78 -5.01 18.95 -9.91
CA VAL D 78 -4.96 17.69 -10.70
C VAL D 78 -4.27 17.83 -12.07
N HIS D 79 -3.53 18.92 -12.26
CA HIS D 79 -2.70 19.16 -13.47
C HIS D 79 -3.48 19.31 -14.79
N LEU D 80 -4.75 19.68 -14.69
CA LEU D 80 -5.56 19.92 -15.88
C LEU D 80 -5.14 21.26 -16.49
N ILE D 81 -4.78 22.21 -15.63
CA ILE D 81 -4.34 23.53 -16.06
C ILE D 81 -3.19 24.03 -15.22
N THR D 82 -2.60 25.13 -15.68
CA THR D 82 -1.64 25.88 -14.91
C THR D 82 -2.21 27.24 -14.58
N LEU D 83 -1.81 27.78 -13.43
CA LEU D 83 -2.27 29.10 -13.03
C LEU D 83 -1.31 30.17 -13.58
N PRO D 84 -1.79 31.39 -13.82
CA PRO D 84 -3.18 31.82 -13.66
C PRO D 84 -4.04 31.57 -14.90
N ALA D 85 -5.35 31.61 -14.71
CA ALA D 85 -6.32 31.41 -15.78
C ALA D 85 -7.08 32.71 -16.08
N LYS D 86 -7.76 32.74 -17.22
CA LYS D 86 -8.63 33.85 -17.58
C LYS D 86 -9.91 33.39 -18.27
N GLY D 87 -10.85 34.32 -18.37
CA GLY D 87 -12.14 34.08 -19.01
C GLY D 87 -13.11 35.23 -18.78
N CCN E . 29.91 15.84 0.57
C1 CCN E . 30.37 14.96 -0.03
C2 CCN E . 30.95 13.86 -0.81
CA CA F . 2.95 -26.22 -1.64
CA CA G . 7.53 -35.77 11.67
CA CA H . -1.24 25.82 0.35
CA CA I . -10.05 36.27 -9.79
#